data_7QPN
#
_entry.id   7QPN
#
_cell.length_a   47.921
_cell.length_b   65.625
_cell.length_c   117.120
_cell.angle_alpha   90.000
_cell.angle_beta   93.160
_cell.angle_gamma   90.000
#
_symmetry.space_group_name_H-M   'P 1 21 1'
#
loop_
_entity.id
_entity.type
_entity.pdbx_description
1 polymer 'Phosphatidylinositol 5-Phosphate 4-Kinase (PI5P4K2C)'
2 non-polymer 5-methyl-2-(2-propan-2-ylphenyl)-~{N}-(pyridin-2-ylmethyl)pyrrolo[3,2-d]pyrimidin-4-amine
3 non-polymer 'PHOSPHOAMINOPHOSPHONIC ACID-ADENYLATE ESTER'
4 water water
#
_entity_poly.entity_id   1
_entity_poly.type   'polypeptide(L)'
_entity_poly.pdbx_seq_one_letter_code
;HFVQQKVKVFRAADPLVGVFLWGVAHSINELSQVPPPVMLLPDDFKASSKIKVNNHLFHRENLPSHFKFKEYCPQVFRNL
RDRFGIDDQDYLVSLTRNPPSESEGSDGRFLISYDRTLVIKEVSSEDIADMHSNLSNYHQYIVKCHGNTLLPQFLGMYRV
SVDNEDSYMLVMRNMFSHRLPVHRKYDLKGSLVSREASDKEKVKELPTLKDMDFLNKNQKVYIGEEEKKIFLEKLKRDVE
FLVQLKIMDYSLLLGIHDIIRGSEPEEELGPGEFESFIDVYAIRSAEGAPQKEVYFMGLIDILTQYDAKKKAAHAAKTVK
HGAGAEISTVHPEQYAKRFLDFITNIFA
;
_entity_poly.pdbx_strand_id   A,B
#
# COMPACT_ATOMS: atom_id res chain seq x y z
N LYS A 6 -13.74 32.13 2.76
CA LYS A 6 -14.60 32.82 3.78
C LYS A 6 -15.12 31.77 4.77
N VAL A 7 -16.12 30.97 4.37
CA VAL A 7 -16.74 29.89 5.18
C VAL A 7 -15.87 28.62 5.07
N LYS A 8 -16.28 27.53 5.72
CA LYS A 8 -15.53 26.25 5.75
C LYS A 8 -15.70 25.55 4.38
N VAL A 9 -14.79 24.63 4.05
CA VAL A 9 -14.80 23.83 2.79
C VAL A 9 -15.77 22.66 2.95
N PHE A 10 -16.51 22.31 1.89
CA PHE A 10 -17.38 21.12 1.77
C PHE A 10 -16.71 20.05 0.87
N ARG A 11 -16.97 18.78 1.19
CA ARG A 11 -16.46 17.59 0.45
C ARG A 11 -17.58 16.54 0.29
N ALA A 12 -17.60 15.82 -0.83
CA ALA A 12 -18.47 14.64 -1.08
C ALA A 12 -18.08 13.49 -0.14
N ALA A 13 -16.77 13.23 0.03
CA ALA A 13 -16.17 12.23 0.96
C ALA A 13 -15.37 12.92 2.08
N ASP A 14 -15.60 12.54 3.34
CA ASP A 14 -14.88 13.14 4.49
C ASP A 14 -13.41 12.69 4.42
N PRO A 15 -12.45 13.63 4.56
CA PRO A 15 -11.02 13.33 4.51
C PRO A 15 -10.61 12.29 5.57
N LEU A 16 -10.92 12.58 6.85
CA LEU A 16 -10.53 11.71 8.00
C LEU A 16 -10.94 10.26 7.69
N VAL A 17 -12.22 10.04 7.38
CA VAL A 17 -12.74 8.67 7.10
C VAL A 17 -12.01 8.07 5.88
N GLY A 18 -11.71 8.88 4.87
CA GLY A 18 -11.11 8.34 3.63
C GLY A 18 -9.69 7.85 3.88
N VAL A 19 -8.90 8.64 4.60
CA VAL A 19 -7.54 8.27 5.09
C VAL A 19 -7.62 7.04 5.99
N PHE A 20 -8.57 7.02 6.91
CA PHE A 20 -8.79 5.87 7.81
C PHE A 20 -8.93 4.59 6.97
N LEU A 21 -9.79 4.59 5.94
CA LEU A 21 -10.10 3.37 5.12
C LEU A 21 -8.90 3.03 4.22
N TRP A 22 -8.19 4.05 3.76
CA TRP A 22 -6.91 3.89 3.06
C TRP A 22 -5.93 3.14 3.99
N GLY A 23 -5.67 3.68 5.19
CA GLY A 23 -4.76 3.16 6.22
C GLY A 23 -5.06 1.72 6.58
N VAL A 24 -6.33 1.36 6.71
CA VAL A 24 -6.73 -0.03 7.10
C VAL A 24 -6.36 -1.02 5.97
N ALA A 25 -6.71 -0.68 4.73
CA ALA A 25 -6.30 -1.37 3.48
C ALA A 25 -4.79 -1.60 3.49
N HIS A 26 -4.00 -0.53 3.59
CA HIS A 26 -2.52 -0.55 3.65
C HIS A 26 -2.05 -1.49 4.76
N SER A 27 -2.60 -1.33 5.95
CA SER A 27 -2.11 -2.05 7.15
C SER A 27 -2.40 -3.53 7.02
N ILE A 28 -3.55 -3.93 6.46
CA ILE A 28 -3.90 -5.37 6.31
C ILE A 28 -3.07 -5.96 5.18
N ASN A 29 -2.82 -5.17 4.14
CA ASN A 29 -1.96 -5.54 2.99
C ASN A 29 -0.55 -5.81 3.56
N GLU A 30 -0.03 -4.89 4.37
CA GLU A 30 1.34 -5.04 4.95
C GLU A 30 1.33 -6.31 5.82
N LEU A 31 0.28 -6.53 6.60
CA LEU A 31 0.23 -7.65 7.58
C LEU A 31 0.19 -9.01 6.85
N SER A 32 -0.53 -9.13 5.74
CA SER A 32 -0.57 -10.39 4.93
C SER A 32 0.86 -10.83 4.51
N GLN A 33 1.86 -9.97 4.57
CA GLN A 33 3.23 -10.28 4.13
C GLN A 33 4.12 -10.58 5.34
N VAL A 34 3.54 -10.66 6.53
CA VAL A 34 4.27 -10.84 7.81
C VAL A 34 3.61 -12.02 8.51
N PRO A 35 4.25 -13.21 8.61
CA PRO A 35 3.62 -14.38 9.23
C PRO A 35 3.18 -14.07 10.65
N PRO A 36 1.93 -14.42 11.06
CA PRO A 36 1.46 -14.09 12.40
C PRO A 36 2.21 -14.97 13.38
N PRO A 37 2.81 -14.44 14.47
CA PRO A 37 3.43 -15.28 15.48
C PRO A 37 2.34 -16.06 16.21
N VAL A 38 2.63 -17.26 16.69
CA VAL A 38 1.69 -17.98 17.58
C VAL A 38 1.81 -17.36 18.98
N MET A 39 2.98 -16.87 19.38
CA MET A 39 3.17 -16.28 20.73
C MET A 39 3.51 -14.80 20.61
N LEU A 40 2.77 -13.97 21.36
CA LEU A 40 2.98 -12.51 21.43
C LEU A 40 4.07 -12.28 22.46
N LEU A 41 5.01 -11.35 22.19
CA LEU A 41 6.09 -10.95 23.15
C LEU A 41 5.81 -9.59 23.78
N PRO A 42 6.49 -9.25 24.90
CA PRO A 42 6.30 -7.96 25.55
C PRO A 42 6.37 -6.73 24.62
N ASP A 43 7.24 -6.77 23.62
CA ASP A 43 7.54 -5.62 22.72
C ASP A 43 6.36 -5.35 21.77
N ASP A 44 5.58 -6.38 21.44
CA ASP A 44 4.36 -6.30 20.61
C ASP A 44 3.35 -5.32 21.21
N PHE A 45 3.32 -5.16 22.53
CA PHE A 45 2.37 -4.29 23.26
C PHE A 45 2.91 -2.85 23.25
N LYS A 46 4.11 -2.62 22.70
CA LYS A 46 4.68 -1.25 22.63
C LYS A 46 5.00 -0.88 21.15
N ALA A 47 4.61 -1.73 20.21
CA ALA A 47 4.91 -1.64 18.78
C ALA A 47 3.93 -0.71 18.07
N SER A 48 4.36 -0.08 16.97
CA SER A 48 3.47 0.70 16.10
C SER A 48 4.00 0.66 14.67
N SER A 49 3.07 0.88 13.74
CA SER A 49 3.32 1.12 12.30
C SER A 49 2.95 2.57 12.02
N LYS A 50 3.87 3.37 11.45
CA LYS A 50 3.57 4.76 11.01
C LYS A 50 3.86 4.89 9.51
N ILE A 51 2.95 5.56 8.82
CA ILE A 51 3.13 5.97 7.40
C ILE A 51 2.75 7.45 7.26
N LYS A 52 3.62 8.21 6.59
CA LYS A 52 3.39 9.62 6.21
C LYS A 52 3.47 9.74 4.69
N VAL A 53 2.37 10.18 4.07
CA VAL A 53 2.23 10.49 2.62
C VAL A 53 2.35 12.01 2.41
N ASN A 54 3.06 12.39 1.36
CA ASN A 54 3.42 13.79 1.07
C ASN A 54 3.50 13.95 -0.45
N ASN A 55 2.37 14.25 -1.08
CA ASN A 55 2.25 14.46 -2.55
C ASN A 55 2.28 15.96 -2.87
N HIS A 56 3.23 16.36 -3.71
CA HIS A 56 3.35 17.69 -4.33
C HIS A 56 2.75 17.70 -5.74
N LEU A 57 1.64 18.43 -5.92
CA LEU A 57 1.08 18.80 -7.24
C LEU A 57 0.65 17.53 -7.94
N PHE A 58 0.15 16.56 -7.19
CA PHE A 58 -0.27 15.22 -7.70
C PHE A 58 -1.63 14.93 -7.06
N HIS A 59 -2.69 15.47 -7.65
CA HIS A 59 -3.98 15.69 -6.96
C HIS A 59 -4.88 14.46 -7.12
N ARG A 60 -5.47 14.02 -6.02
CA ARG A 60 -6.41 12.84 -5.96
C ARG A 60 -7.77 13.37 -5.51
N GLU A 61 -8.85 12.65 -5.83
CA GLU A 61 -10.22 13.10 -5.48
C GLU A 61 -10.49 12.63 -4.05
N ASN A 62 -10.42 11.33 -3.84
CA ASN A 62 -10.99 10.67 -2.63
C ASN A 62 -10.01 10.80 -1.45
N LEU A 63 -8.89 11.50 -1.60
CA LEU A 63 -7.77 11.42 -0.64
C LEU A 63 -6.98 12.71 -0.62
N PRO A 64 -6.68 13.31 0.55
CA PRO A 64 -5.83 14.49 0.62
C PRO A 64 -4.40 14.18 0.15
N SER A 65 -3.52 15.18 0.20
CA SER A 65 -2.17 15.17 -0.41
C SER A 65 -1.11 15.03 0.68
N HIS A 66 -1.43 15.48 1.90
CA HIS A 66 -0.61 15.35 3.12
C HIS A 66 -1.50 14.70 4.18
N PHE A 67 -1.00 13.62 4.81
CA PHE A 67 -1.72 12.82 5.83
C PHE A 67 -0.75 11.80 6.44
N LYS A 68 -1.06 11.34 7.66
CA LYS A 68 -0.34 10.25 8.38
C LYS A 68 -1.35 9.23 8.88
N PHE A 69 -0.92 7.99 8.99
CA PHE A 69 -1.67 6.86 9.56
C PHE A 69 -0.74 6.09 10.48
N LYS A 70 -1.19 5.85 11.70
CA LYS A 70 -0.47 5.03 12.68
C LYS A 70 -1.38 3.90 13.11
N GLU A 71 -0.83 2.69 13.09
CA GLU A 71 -1.50 1.52 13.71
C GLU A 71 -0.73 1.18 15.00
N TYR A 72 -1.45 1.08 16.10
CA TYR A 72 -0.91 0.69 17.42
C TYR A 72 -0.93 -0.84 17.52
N CYS A 73 0.19 -1.40 18.02
CA CYS A 73 0.32 -2.81 18.43
C CYS A 73 -0.29 -3.72 17.37
N PRO A 74 0.19 -3.70 16.09
CA PRO A 74 -0.46 -4.41 15.00
C PRO A 74 -0.53 -5.91 15.21
N GLN A 75 0.49 -6.53 15.82
CA GLN A 75 0.52 -8.00 16.04
C GLN A 75 -0.49 -8.36 17.14
N VAL A 76 -0.65 -7.49 18.13
CA VAL A 76 -1.60 -7.75 19.24
C VAL A 76 -3.00 -7.78 18.65
N PHE A 77 -3.40 -6.72 17.94
CA PHE A 77 -4.81 -6.61 17.48
C PHE A 77 -5.11 -7.72 16.45
N ARG A 78 -4.13 -8.09 15.62
CA ARG A 78 -4.32 -9.17 14.60
C ARG A 78 -4.60 -10.50 15.32
N ASN A 79 -3.94 -10.72 16.43
CA ASN A 79 -4.06 -11.92 17.30
C ASN A 79 -5.45 -11.93 17.97
N LEU A 80 -5.85 -10.79 18.54
CA LEU A 80 -7.23 -10.58 19.09
C LEU A 80 -8.26 -10.92 18.01
N ARG A 81 -8.15 -10.36 16.80
CA ARG A 81 -9.11 -10.65 15.70
C ARG A 81 -9.25 -12.16 15.51
N ASP A 82 -8.12 -12.85 15.48
CA ASP A 82 -8.05 -14.32 15.27
C ASP A 82 -8.73 -15.02 16.44
N ARG A 83 -8.48 -14.59 17.66
CA ARG A 83 -9.13 -15.20 18.86
C ARG A 83 -10.64 -14.90 18.83
N PHE A 84 -11.08 -13.79 18.22
CA PHE A 84 -12.52 -13.43 18.18
C PHE A 84 -13.16 -14.01 16.91
N GLY A 85 -12.41 -14.79 16.12
CA GLY A 85 -12.91 -15.52 14.94
C GLY A 85 -13.10 -14.58 13.76
N ILE A 86 -12.29 -13.54 13.66
CA ILE A 86 -12.39 -12.58 12.53
C ILE A 86 -11.09 -12.70 11.73
N ASP A 87 -11.19 -13.20 10.48
CA ASP A 87 -10.09 -13.33 9.50
C ASP A 87 -9.79 -11.91 9.00
N ASP A 88 -8.52 -11.55 8.82
CA ASP A 88 -8.12 -10.18 8.42
C ASP A 88 -8.88 -9.77 7.15
N GLN A 89 -9.13 -10.70 6.24
CA GLN A 89 -9.77 -10.40 4.93
C GLN A 89 -11.20 -9.92 5.16
N ASP A 90 -11.92 -10.53 6.10
CA ASP A 90 -13.32 -10.14 6.43
C ASP A 90 -13.32 -8.78 7.10
N TYR A 91 -12.42 -8.56 8.06
CA TYR A 91 -12.21 -7.27 8.75
C TYR A 91 -12.06 -6.18 7.69
N LEU A 92 -11.10 -6.40 6.76
CA LEU A 92 -10.78 -5.44 5.68
C LEU A 92 -12.03 -5.19 4.82
N VAL A 93 -12.75 -6.25 4.46
CA VAL A 93 -13.95 -6.17 3.58
C VAL A 93 -15.06 -5.42 4.32
N SER A 94 -15.32 -5.84 5.58
CA SER A 94 -16.32 -5.21 6.48
C SER A 94 -16.11 -3.70 6.52
N LEU A 95 -14.85 -3.26 6.55
CA LEU A 95 -14.49 -1.83 6.81
C LEU A 95 -14.35 -0.99 5.54
N THR A 96 -13.96 -1.57 4.40
CA THR A 96 -13.57 -0.81 3.18
C THR A 96 -14.49 -1.10 1.99
N ARG A 97 -14.88 -2.36 1.76
CA ARG A 97 -15.69 -2.69 0.55
C ARG A 97 -16.66 -1.52 0.33
N ASN A 98 -17.59 -1.30 1.25
CA ASN A 98 -18.57 -0.19 1.18
C ASN A 98 -18.25 0.79 2.30
N PRO A 99 -18.63 2.08 2.17
CA PRO A 99 -18.27 3.06 3.18
C PRO A 99 -19.08 2.81 4.45
N PRO A 100 -18.59 3.32 5.61
CA PRO A 100 -19.29 3.18 6.88
C PRO A 100 -20.32 4.29 7.10
N SER A 101 -21.41 4.00 7.84
CA SER A 101 -22.53 4.93 8.16
C SER A 101 -22.23 5.71 9.45
N GLU A 102 -22.17 7.05 9.37
CA GLU A 102 -21.90 7.96 10.51
C GLU A 102 -23.14 8.05 11.40
N SER A 103 -22.98 7.85 12.72
CA SER A 103 -24.01 7.97 13.78
C SER A 103 -23.55 8.91 14.92
N GLU A 104 -24.47 9.27 15.83
CA GLU A 104 -24.24 10.22 16.96
C GLU A 104 -24.11 9.44 18.27
N GLY A 108 -21.32 13.63 17.33
CA GLY A 108 -19.86 13.42 17.23
C GLY A 108 -19.50 12.19 16.39
N ARG A 109 -18.35 11.54 16.71
CA ARG A 109 -17.58 10.72 15.74
C ARG A 109 -17.65 9.23 16.07
N PHE A 110 -18.61 8.54 15.46
CA PHE A 110 -18.99 7.16 15.81
C PHE A 110 -19.58 6.53 14.57
N LEU A 111 -18.98 5.46 14.09
CA LEU A 111 -19.28 4.88 12.76
C LEU A 111 -19.67 3.43 12.94
N ILE A 112 -20.63 2.98 12.15
CA ILE A 112 -20.91 1.54 11.98
C ILE A 112 -20.47 1.14 10.56
N SER A 113 -19.97 -0.09 10.40
CA SER A 113 -19.59 -0.67 9.10
C SER A 113 -20.86 -0.86 8.28
N TYR A 114 -20.77 -0.75 6.94
CA TYR A 114 -21.90 -1.02 5.99
C TYR A 114 -22.59 -2.33 6.39
N ASP A 115 -21.86 -3.41 6.68
CA ASP A 115 -22.48 -4.71 7.03
C ASP A 115 -22.94 -4.68 8.50
N ARG A 116 -22.66 -3.62 9.25
CA ARG A 116 -23.07 -3.51 10.67
C ARG A 116 -22.32 -4.50 11.61
N THR A 117 -21.21 -5.14 11.18
CA THR A 117 -20.50 -6.13 12.04
C THR A 117 -19.58 -5.39 13.01
N LEU A 118 -19.12 -4.21 12.65
CA LEU A 118 -18.04 -3.51 13.36
C LEU A 118 -18.54 -2.13 13.70
N VAL A 119 -18.00 -1.54 14.75
CA VAL A 119 -18.26 -0.15 15.20
C VAL A 119 -16.92 0.54 15.22
N ILE A 120 -16.89 1.81 14.94
CA ILE A 120 -15.60 2.56 14.93
C ILE A 120 -15.83 3.82 15.72
N LYS A 121 -15.13 3.98 16.83
CA LYS A 121 -15.34 5.13 17.73
C LYS A 121 -14.11 6.01 17.72
N GLU A 122 -14.30 7.31 17.53
CA GLU A 122 -13.22 8.28 17.81
C GLU A 122 -13.10 8.41 19.31
N VAL A 123 -11.88 8.51 19.79
CA VAL A 123 -11.52 8.51 21.23
C VAL A 123 -10.39 9.52 21.37
N SER A 124 -9.96 9.77 22.61
CA SER A 124 -8.96 10.82 22.92
C SER A 124 -7.58 10.18 22.97
N SER A 125 -6.54 11.01 22.89
CA SER A 125 -5.15 10.62 23.27
C SER A 125 -5.19 9.95 24.65
N GLU A 126 -5.92 10.54 25.60
CA GLU A 126 -6.11 10.04 27.00
C GLU A 126 -6.54 8.57 26.96
N ASP A 127 -7.58 8.27 26.20
CA ASP A 127 -8.16 6.91 26.09
C ASP A 127 -7.11 5.95 25.48
N ILE A 128 -6.31 6.41 24.49
CA ILE A 128 -5.25 5.56 23.85
C ILE A 128 -4.26 5.12 24.93
N ALA A 129 -3.78 6.05 25.75
CA ALA A 129 -2.97 5.82 26.97
C ALA A 129 -3.60 4.73 27.86
N ASP A 130 -4.88 4.83 28.22
CA ASP A 130 -5.64 3.80 28.99
C ASP A 130 -5.63 2.44 28.28
N MET A 131 -5.95 2.42 26.99
CA MET A 131 -5.90 1.20 26.15
C MET A 131 -4.55 0.48 26.32
N HIS A 132 -3.43 1.19 26.15
CA HIS A 132 -2.06 0.60 26.23
C HIS A 132 -1.79 -0.04 27.59
N SER A 133 -2.14 0.64 28.70
CA SER A 133 -1.99 0.14 30.09
C SER A 133 -2.45 -1.31 30.23
N ASN A 134 -3.69 -1.60 29.86
CA ASN A 134 -4.36 -2.88 30.18
C ASN A 134 -4.34 -3.82 28.97
N LEU A 135 -3.63 -3.48 27.89
CA LEU A 135 -3.79 -4.27 26.64
C LEU A 135 -3.22 -5.68 26.89
N SER A 136 -2.08 -5.80 27.57
CA SER A 136 -1.48 -7.14 27.83
C SER A 136 -2.34 -7.93 28.83
N ASN A 137 -2.83 -7.24 29.87
CA ASN A 137 -3.83 -7.79 30.83
C ASN A 137 -5.05 -8.33 30.06
N TYR A 138 -5.55 -7.56 29.10
CA TYR A 138 -6.78 -7.92 28.35
C TYR A 138 -6.52 -9.15 27.48
N HIS A 139 -5.40 -9.14 26.77
CA HIS A 139 -5.01 -10.27 25.88
C HIS A 139 -4.88 -11.57 26.69
N GLN A 140 -4.16 -11.53 27.82
CA GLN A 140 -4.12 -12.66 28.79
C GLN A 140 -5.55 -13.14 29.10
N TYR A 141 -6.46 -12.21 29.44
CA TYR A 141 -7.86 -12.54 29.80
C TYR A 141 -8.56 -13.26 28.64
N ILE A 142 -8.39 -12.74 27.42
CA ILE A 142 -9.03 -13.27 26.17
C ILE A 142 -8.51 -14.69 25.92
N VAL A 143 -7.23 -14.95 26.15
CA VAL A 143 -6.62 -16.32 26.06
C VAL A 143 -7.32 -17.25 27.06
N LYS A 144 -7.40 -16.83 28.31
CA LYS A 144 -8.00 -17.62 29.42
C LYS A 144 -9.43 -18.02 29.06
N CYS A 145 -10.27 -17.10 28.54
CA CYS A 145 -11.73 -17.34 28.30
C CYS A 145 -12.03 -17.75 26.85
N HIS A 146 -11.00 -17.95 26.00
CA HIS A 146 -11.12 -18.39 24.58
C HIS A 146 -12.02 -17.41 23.81
N GLY A 147 -11.88 -16.11 24.09
CA GLY A 147 -12.62 -15.03 23.41
C GLY A 147 -14.08 -14.96 23.84
N ASN A 148 -14.46 -15.72 24.86
CA ASN A 148 -15.86 -15.81 25.29
C ASN A 148 -16.07 -14.82 26.44
N THR A 149 -16.45 -13.59 26.11
CA THR A 149 -16.58 -12.49 27.11
C THR A 149 -17.74 -11.57 26.77
N LEU A 150 -18.19 -10.73 27.71
CA LEU A 150 -19.20 -9.67 27.51
C LEU A 150 -18.49 -8.33 27.44
N LEU A 151 -17.19 -8.33 27.67
CA LEU A 151 -16.36 -7.14 27.43
C LEU A 151 -16.45 -6.74 25.96
N PRO A 152 -16.03 -5.51 25.64
CA PRO A 152 -15.79 -5.16 24.26
C PRO A 152 -14.72 -6.08 23.66
N GLN A 153 -14.87 -6.36 22.37
CA GLN A 153 -13.89 -7.08 21.52
C GLN A 153 -13.18 -6.05 20.67
N PHE A 154 -12.02 -5.58 21.15
CA PHE A 154 -11.16 -4.58 20.48
C PHE A 154 -10.39 -5.28 19.35
N LEU A 155 -10.58 -4.79 18.12
CA LEU A 155 -10.14 -5.42 16.86
C LEU A 155 -9.08 -4.53 16.22
N GLY A 156 -8.97 -3.27 16.59
CA GLY A 156 -7.91 -2.41 16.06
C GLY A 156 -7.88 -1.03 16.68
N MET A 157 -6.75 -0.37 16.56
CA MET A 157 -6.52 0.93 17.21
C MET A 157 -5.54 1.69 16.35
N TYR A 158 -5.88 2.93 16.02
CA TYR A 158 -5.26 3.72 14.91
C TYR A 158 -5.29 5.22 15.25
N ARG A 159 -4.29 5.96 14.76
CA ARG A 159 -4.31 7.45 14.74
C ARG A 159 -4.22 7.96 13.29
N VAL A 160 -5.24 8.70 12.86
CA VAL A 160 -5.34 9.36 11.53
C VAL A 160 -4.94 10.82 11.69
N SER A 161 -4.14 11.34 10.79
CA SER A 161 -3.66 12.73 10.83
C SER A 161 -3.98 13.37 9.48
N VAL A 162 -4.88 14.35 9.49
CA VAL A 162 -5.19 15.26 8.35
C VAL A 162 -5.15 16.68 8.91
N ASP A 163 -4.71 17.66 8.11
CA ASP A 163 -4.69 19.11 8.43
C ASP A 163 -3.75 19.37 9.62
N ASN A 164 -2.82 18.45 9.86
CA ASN A 164 -1.96 18.43 11.07
C ASN A 164 -2.83 18.20 12.32
N GLU A 165 -3.95 17.47 12.19
CA GLU A 165 -4.96 17.22 13.26
C GLU A 165 -5.15 15.70 13.45
N ASP A 166 -4.75 15.18 14.62
CA ASP A 166 -4.73 13.73 14.97
C ASP A 166 -6.11 13.31 15.49
N SER A 167 -6.74 12.34 14.83
CA SER A 167 -7.94 11.63 15.34
C SER A 167 -7.53 10.20 15.70
N TYR A 168 -7.95 9.76 16.88
CA TYR A 168 -7.71 8.40 17.38
C TYR A 168 -8.97 7.58 17.15
N MET A 169 -8.82 6.40 16.57
CA MET A 169 -9.97 5.55 16.22
C MET A 169 -9.76 4.17 16.84
N LEU A 170 -10.84 3.61 17.35
CA LEU A 170 -10.91 2.29 17.98
C LEU A 170 -11.99 1.47 17.28
N VAL A 171 -11.69 0.25 16.88
CA VAL A 171 -12.64 -0.67 16.20
C VAL A 171 -13.01 -1.77 17.16
N MET A 172 -14.31 -2.02 17.28
CA MET A 172 -14.91 -3.01 18.17
C MET A 172 -15.94 -3.84 17.40
N ARG A 173 -16.12 -5.08 17.81
CA ARG A 173 -17.23 -5.92 17.30
C ARG A 173 -18.52 -5.26 17.81
N ASN A 174 -19.52 -5.17 16.93
CA ASN A 174 -20.84 -4.56 17.23
C ASN A 174 -21.53 -5.48 18.25
N MET A 175 -21.90 -4.96 19.41
CA MET A 175 -22.70 -5.67 20.44
C MET A 175 -24.14 -5.89 19.96
N PHE A 176 -24.62 -4.99 19.11
CA PHE A 176 -25.95 -5.05 18.46
C PHE A 176 -25.87 -5.89 17.18
N SER A 177 -27.04 -6.14 16.57
CA SER A 177 -27.23 -7.16 15.51
C SER A 177 -26.68 -6.67 14.17
N HIS A 178 -26.15 -7.59 13.37
CA HIS A 178 -25.71 -7.27 11.97
C HIS A 178 -26.94 -6.84 11.14
N ARG A 179 -28.17 -7.19 11.53
CA ARG A 179 -29.39 -6.73 10.82
C ARG A 179 -30.61 -6.52 11.75
N LEU A 180 -30.93 -7.43 12.69
CA LEU A 180 -32.10 -7.29 13.63
C LEU A 180 -32.03 -5.94 14.33
N PRO A 181 -32.93 -4.98 14.02
CA PRO A 181 -32.85 -3.64 14.62
C PRO A 181 -33.27 -3.65 16.11
N VAL A 182 -32.78 -2.66 16.86
CA VAL A 182 -32.96 -2.59 18.35
C VAL A 182 -34.10 -1.61 18.67
N HIS A 183 -35.14 -2.14 19.32
CA HIS A 183 -36.40 -1.42 19.63
C HIS A 183 -36.24 -0.67 20.96
N ARG A 184 -35.76 -1.34 22.01
CA ARG A 184 -35.46 -0.71 23.33
C ARG A 184 -33.99 -0.91 23.70
N LYS A 185 -33.39 0.14 24.28
CA LYS A 185 -31.94 0.29 24.59
C LYS A 185 -31.77 0.83 26.03
N TYR A 186 -31.10 0.06 26.91
CA TYR A 186 -30.76 0.46 28.31
C TYR A 186 -29.25 0.47 28.57
N ASP A 187 -28.82 1.43 29.40
CA ASP A 187 -27.51 1.49 30.11
C ASP A 187 -27.78 1.36 31.62
N LEU A 188 -27.36 0.23 32.21
CA LEU A 188 -27.65 -0.17 33.61
C LEU A 188 -26.35 -0.25 34.40
N LYS A 189 -26.25 0.50 35.50
CA LYS A 189 -25.06 0.55 36.42
C LYS A 189 -25.35 -0.13 37.77
N GLY A 190 -26.62 -0.17 38.19
CA GLY A 190 -27.03 -0.55 39.56
C GLY A 190 -26.58 0.49 40.57
N SER A 191 -26.50 1.76 40.15
CA SER A 191 -26.02 2.91 40.96
C SER A 191 -26.88 3.12 42.21
N LEU A 192 -26.25 3.37 43.36
CA LEU A 192 -26.93 3.73 44.64
C LEU A 192 -27.88 4.91 44.36
N VAL A 193 -27.39 5.95 43.69
CA VAL A 193 -28.19 7.14 43.24
C VAL A 193 -29.16 6.67 42.14
N SER A 194 -30.17 7.49 41.81
CA SER A 194 -31.14 7.22 40.73
C SER A 194 -30.51 7.65 39.40
N ARG A 195 -30.76 6.86 38.34
CA ARG A 195 -30.31 7.10 36.94
C ARG A 195 -31.54 7.06 36.01
N GLU A 196 -31.66 8.08 35.14
CA GLU A 196 -32.84 8.28 34.27
C GLU A 196 -32.46 9.04 33.01
N ALA A 197 -33.09 8.66 31.89
CA ALA A 197 -33.01 9.34 30.57
C ALA A 197 -33.66 10.73 30.67
N SER A 198 -32.96 11.79 30.23
CA SER A 198 -33.47 13.19 30.17
C SER A 198 -34.77 13.25 29.35
N ASP A 199 -35.41 14.42 29.30
CA ASP A 199 -36.63 14.64 28.47
C ASP A 199 -36.16 14.72 27.02
N LYS A 200 -35.02 15.37 26.80
CA LYS A 200 -34.33 15.52 25.49
C LYS A 200 -34.00 14.14 24.90
N GLU A 201 -33.67 13.15 25.75
CA GLU A 201 -33.32 11.75 25.35
C GLU A 201 -34.58 10.97 24.96
N LYS A 202 -35.60 10.87 25.84
CA LYS A 202 -36.86 10.10 25.56
C LYS A 202 -37.54 10.66 24.30
N VAL A 203 -37.10 11.84 23.85
CA VAL A 203 -37.54 12.55 22.61
C VAL A 203 -37.01 11.83 21.35
N LYS A 204 -35.91 11.06 21.46
CA LYS A 204 -35.26 10.35 20.32
C LYS A 204 -36.00 9.04 20.02
N GLU A 205 -35.91 8.57 18.78
CA GLU A 205 -36.48 7.28 18.29
C GLU A 205 -35.89 6.12 19.11
N LEU A 206 -34.57 6.12 19.36
CA LEU A 206 -33.88 5.10 20.20
C LEU A 206 -33.13 5.81 21.33
N PRO A 207 -33.82 6.17 22.43
CA PRO A 207 -33.18 6.85 23.57
C PRO A 207 -32.41 5.83 24.41
N THR A 208 -31.30 6.27 25.03
CA THR A 208 -30.51 5.47 26.01
C THR A 208 -31.25 5.52 27.36
N LEU A 209 -32.12 4.55 27.62
CA LEU A 209 -32.84 4.41 28.92
C LEU A 209 -31.83 4.01 30.01
N LYS A 210 -32.26 3.88 31.27
CA LYS A 210 -31.38 3.68 32.46
C LYS A 210 -32.07 2.87 33.57
N ASP A 211 -31.50 2.88 34.78
CA ASP A 211 -31.89 2.00 35.90
C ASP A 211 -33.36 2.27 36.28
N MET A 212 -33.74 3.53 36.49
CA MET A 212 -35.11 3.87 36.97
C MET A 212 -36.14 3.54 35.89
N ASP A 213 -35.80 3.79 34.62
CA ASP A 213 -36.64 3.54 33.41
C ASP A 213 -36.98 2.05 33.32
N PHE A 214 -35.97 1.21 33.58
CA PHE A 214 -36.03 -0.28 33.58
C PHE A 214 -37.02 -0.78 34.65
N LEU A 215 -36.84 -0.25 35.87
CA LEU A 215 -37.67 -0.54 37.08
C LEU A 215 -39.09 0.03 36.91
N ASN A 216 -39.18 1.32 36.55
CA ASN A 216 -40.46 2.05 36.31
C ASN A 216 -41.27 1.37 35.20
N LYS A 217 -40.65 0.72 34.21
CA LYS A 217 -41.38 -0.07 33.18
C LYS A 217 -41.52 -1.53 33.62
N ASN A 218 -41.19 -1.86 34.87
CA ASN A 218 -41.20 -3.26 35.37
C ASN A 218 -40.62 -4.19 34.29
N GLN A 219 -39.51 -3.77 33.66
CA GLN A 219 -38.84 -4.53 32.56
C GLN A 219 -38.09 -5.73 33.14
N LYS A 220 -38.29 -6.92 32.58
CA LYS A 220 -37.47 -8.11 32.91
C LYS A 220 -36.82 -8.69 31.64
N VAL A 221 -36.00 -9.72 31.82
CA VAL A 221 -35.32 -10.48 30.72
C VAL A 221 -35.59 -11.98 30.89
N TYR A 222 -36.24 -12.60 29.90
CA TYR A 222 -36.62 -14.04 29.91
C TYR A 222 -35.77 -14.81 28.91
N ILE A 223 -34.86 -15.67 29.40
CA ILE A 223 -33.82 -16.36 28.58
C ILE A 223 -33.71 -17.85 28.92
N GLY A 224 -34.04 -18.25 30.16
CA GLY A 224 -34.03 -19.66 30.60
C GLY A 224 -32.81 -19.96 31.43
N GLU A 225 -33.03 -20.55 32.60
CA GLU A 225 -32.01 -20.79 33.67
C GLU A 225 -30.67 -21.20 33.04
N GLU A 226 -30.67 -22.11 32.06
CA GLU A 226 -29.43 -22.67 31.46
C GLU A 226 -28.65 -21.56 30.74
N GLU A 227 -29.34 -20.68 30.02
CA GLU A 227 -28.70 -19.56 29.27
C GLU A 227 -28.41 -18.43 30.26
N LYS A 228 -29.09 -18.44 31.40
CA LYS A 228 -28.90 -17.45 32.49
C LYS A 228 -27.64 -17.81 33.28
N LYS A 229 -27.48 -19.08 33.67
CA LYS A 229 -26.31 -19.57 34.44
C LYS A 229 -25.07 -19.45 33.55
N ILE A 230 -25.23 -19.58 32.23
CA ILE A 230 -24.11 -19.36 31.27
C ILE A 230 -23.79 -17.85 31.24
N PHE A 231 -24.80 -16.97 31.20
CA PHE A 231 -24.59 -15.50 31.20
C PHE A 231 -23.93 -14.99 32.49
N LEU A 232 -24.49 -15.32 33.68
CA LEU A 232 -24.05 -14.77 34.99
C LEU A 232 -22.68 -15.32 35.35
N GLU A 233 -22.39 -16.55 34.96
CA GLU A 233 -21.04 -17.13 35.16
C GLU A 233 -20.03 -16.18 34.50
N LYS A 234 -20.20 -15.98 33.19
CA LYS A 234 -19.35 -15.11 32.32
C LYS A 234 -19.30 -13.67 32.86
N LEU A 235 -20.46 -13.09 33.18
CA LEU A 235 -20.55 -11.70 33.69
C LEU A 235 -19.69 -11.57 34.95
N LYS A 236 -19.76 -12.56 35.85
CA LYS A 236 -19.03 -12.53 37.13
C LYS A 236 -17.53 -12.43 36.82
N ARG A 237 -16.96 -13.42 36.12
CA ARG A 237 -15.49 -13.42 35.85
C ARG A 237 -15.07 -12.18 35.03
N ASP A 238 -15.90 -11.68 34.11
CA ASP A 238 -15.62 -10.39 33.39
C ASP A 238 -15.47 -9.25 34.41
N VAL A 239 -16.43 -9.10 35.34
CA VAL A 239 -16.47 -8.01 36.36
C VAL A 239 -15.32 -8.23 37.38
N GLU A 240 -15.02 -9.48 37.76
CA GLU A 240 -13.86 -9.83 38.63
C GLU A 240 -12.57 -9.36 37.94
N PHE A 241 -12.43 -9.61 36.62
CA PHE A 241 -11.29 -9.07 35.82
C PHE A 241 -11.22 -7.53 35.95
N LEU A 242 -12.35 -6.83 35.77
CA LEU A 242 -12.39 -5.34 35.90
C LEU A 242 -11.97 -4.90 37.31
N VAL A 243 -12.30 -5.67 38.34
CA VAL A 243 -11.90 -5.34 39.74
C VAL A 243 -10.37 -5.40 39.84
N GLN A 244 -9.77 -6.51 39.42
CA GLN A 244 -8.28 -6.67 39.39
C GLN A 244 -7.65 -5.43 38.75
N LEU A 245 -8.31 -4.77 37.81
CA LEU A 245 -7.73 -3.60 37.07
C LEU A 245 -8.18 -2.31 37.73
N LYS A 246 -8.97 -2.41 38.81
CA LYS A 246 -9.44 -1.25 39.59
C LYS A 246 -10.25 -0.36 38.65
N ILE A 247 -11.06 -0.96 37.77
CA ILE A 247 -11.96 -0.21 36.83
C ILE A 247 -13.36 -0.23 37.44
N MET A 248 -14.11 0.86 37.32
CA MET A 248 -15.39 1.01 38.07
C MET A 248 -16.58 1.36 37.17
N ASP A 249 -16.62 2.55 36.56
CA ASP A 249 -17.91 3.22 36.20
C ASP A 249 -18.51 2.61 34.91
N TYR A 250 -18.63 1.28 34.85
CA TYR A 250 -19.05 0.52 33.66
C TYR A 250 -20.53 0.21 33.77
N SER A 251 -21.15 -0.18 32.65
CA SER A 251 -22.59 -0.48 32.53
C SER A 251 -22.77 -1.80 31.80
N LEU A 252 -23.92 -2.43 31.98
CA LEU A 252 -24.46 -3.40 31.00
C LEU A 252 -25.23 -2.60 29.95
N LEU A 253 -24.83 -2.72 28.69
CA LEU A 253 -25.61 -2.23 27.53
C LEU A 253 -26.55 -3.39 27.16
N LEU A 254 -27.85 -3.11 27.15
CA LEU A 254 -28.92 -4.09 26.91
C LEU A 254 -29.78 -3.56 25.75
N GLY A 255 -29.75 -4.29 24.63
CA GLY A 255 -30.61 -4.05 23.46
C GLY A 255 -31.69 -5.11 23.41
N ILE A 256 -32.92 -4.67 23.18
CA ILE A 256 -34.09 -5.58 22.98
C ILE A 256 -34.56 -5.46 21.53
N HIS A 257 -34.52 -6.58 20.81
CA HIS A 257 -35.19 -6.70 19.49
C HIS A 257 -36.52 -7.44 19.69
N ASP A 258 -37.63 -6.78 19.35
CA ASP A 258 -38.99 -7.39 19.35
C ASP A 258 -39.25 -8.12 18.01
N ILE A 259 -39.41 -9.44 18.06
CA ILE A 259 -39.54 -10.40 16.91
C ILE A 259 -40.71 -9.99 16.01
N ILE A 260 -41.88 -9.77 16.63
CA ILE A 260 -43.17 -9.44 15.95
C ILE A 260 -42.99 -8.15 15.13
N ARG A 261 -42.39 -7.09 15.70
CA ARG A 261 -42.12 -5.83 14.96
C ARG A 261 -41.17 -6.10 13.78
N GLY A 262 -40.23 -7.05 13.92
CA GLY A 262 -39.33 -7.54 12.85
C GLY A 262 -38.39 -6.44 12.32
N SER A 263 -37.73 -6.70 11.18
CA SER A 263 -36.75 -5.81 10.51
C SER A 263 -37.43 -5.04 9.36
N GLU A 264 -36.79 -3.97 8.86
CA GLU A 264 -37.19 -3.25 7.62
C GLU A 264 -37.03 -4.19 6.42
N PRO A 265 -37.63 -3.87 5.24
CA PRO A 265 -37.60 -4.77 4.08
C PRO A 265 -36.19 -5.19 3.61
N GLU A 266 -35.18 -4.35 3.84
CA GLU A 266 -33.77 -4.60 3.40
C GLU A 266 -33.02 -5.42 4.46
N GLU A 267 -33.67 -6.42 5.08
CA GLU A 267 -33.18 -7.22 6.26
C GLU A 267 -31.78 -6.75 6.66
N PRO A 271 -34.46 -14.49 -0.70
CA PRO A 271 -35.01 -15.80 -1.03
C PRO A 271 -34.06 -16.95 -0.65
N GLY A 272 -32.91 -17.03 -1.32
CA GLY A 272 -31.84 -18.00 -0.99
C GLY A 272 -30.65 -17.31 -0.36
N GLU A 273 -30.77 -16.90 0.90
CA GLU A 273 -29.83 -16.00 1.63
C GLU A 273 -29.80 -16.41 3.11
N PHE A 274 -28.62 -16.75 3.64
CA PHE A 274 -28.36 -17.04 5.08
C PHE A 274 -27.52 -15.91 5.68
N GLU A 275 -27.76 -15.54 6.93
CA GLU A 275 -26.93 -14.56 7.71
C GLU A 275 -25.47 -14.98 7.56
N SER A 276 -24.63 -14.07 7.08
CA SER A 276 -23.17 -14.31 6.86
C SER A 276 -22.38 -14.08 8.15
N PHE A 277 -23.00 -13.46 9.16
CA PHE A 277 -22.40 -13.13 10.47
C PHE A 277 -23.24 -13.71 11.62
N ILE A 278 -22.59 -13.87 12.79
CA ILE A 278 -23.21 -14.29 14.07
C ILE A 278 -23.24 -13.08 15.02
N ASP A 279 -24.35 -12.87 15.73
CA ASP A 279 -24.49 -11.86 16.79
C ASP A 279 -24.09 -12.55 18.10
N VAL A 280 -22.89 -12.21 18.59
CA VAL A 280 -22.12 -12.96 19.63
C VAL A 280 -22.59 -12.53 21.03
N TYR A 281 -23.28 -11.39 21.14
CA TYR A 281 -23.86 -10.85 22.41
C TYR A 281 -25.38 -11.07 22.48
N ALA A 282 -25.97 -11.76 21.50
CA ALA A 282 -27.43 -11.95 21.36
C ALA A 282 -27.88 -13.17 22.17
N ILE A 283 -29.07 -13.13 22.78
CA ILE A 283 -29.72 -14.27 23.49
C ILE A 283 -31.25 -14.17 23.31
N ARG A 284 -31.89 -15.26 22.88
CA ARG A 284 -33.34 -15.33 22.51
C ARG A 284 -34.22 -15.44 23.76
N SER A 285 -35.37 -14.76 23.76
CA SER A 285 -36.57 -15.11 24.58
C SER A 285 -36.63 -16.63 24.74
N ALA A 286 -36.73 -17.12 25.98
CA ALA A 286 -37.12 -18.51 26.29
C ALA A 286 -38.64 -18.64 26.10
N GLU A 287 -39.09 -19.81 25.60
CA GLU A 287 -40.51 -20.21 25.43
C GLU A 287 -41.31 -19.82 26.68
N GLY A 288 -42.49 -19.22 26.48
CA GLY A 288 -43.36 -18.74 27.56
C GLY A 288 -42.79 -17.48 28.17
N ALA A 289 -43.09 -16.34 27.56
CA ALA A 289 -42.57 -15.02 27.94
C ALA A 289 -43.46 -13.96 27.32
N PRO A 290 -43.74 -12.84 28.03
CA PRO A 290 -44.70 -11.83 27.55
C PRO A 290 -44.59 -11.47 26.06
N GLN A 291 -43.36 -11.38 25.53
CA GLN A 291 -43.08 -11.08 24.09
C GLN A 291 -41.83 -11.84 23.63
N LYS A 292 -41.90 -12.43 22.43
CA LYS A 292 -40.73 -13.02 21.73
C LYS A 292 -39.74 -11.89 21.41
N GLU A 293 -38.47 -12.04 21.80
CA GLU A 293 -37.41 -10.97 21.80
C GLU A 293 -36.01 -11.54 21.64
N VAL A 294 -35.09 -10.73 21.14
CA VAL A 294 -33.63 -11.03 21.24
C VAL A 294 -32.97 -9.90 22.05
N TYR A 295 -32.22 -10.32 23.07
CA TYR A 295 -31.44 -9.45 23.98
C TYR A 295 -29.98 -9.35 23.48
N PHE A 296 -29.47 -8.12 23.41
CA PHE A 296 -28.02 -7.87 23.16
C PHE A 296 -27.44 -7.24 24.42
N MET A 297 -26.64 -8.01 25.17
CA MET A 297 -26.04 -7.58 26.45
C MET A 297 -24.52 -7.67 26.36
N GLY A 298 -23.83 -6.54 26.56
CA GLY A 298 -22.36 -6.45 26.74
C GLY A 298 -21.98 -5.36 27.72
N LEU A 299 -20.67 -5.25 28.07
CA LEU A 299 -20.15 -4.29 29.08
C LEU A 299 -19.50 -3.12 28.36
N ILE A 300 -19.90 -1.90 28.73
CA ILE A 300 -19.30 -0.63 28.19
C ILE A 300 -18.90 0.27 29.37
N ASP A 301 -18.22 1.37 29.12
CA ASP A 301 -18.10 2.48 30.10
C ASP A 301 -18.20 3.78 29.30
N ILE A 302 -17.77 4.91 29.85
CA ILE A 302 -17.79 6.23 29.14
C ILE A 302 -16.89 6.13 27.90
N LEU A 303 -15.79 5.38 27.97
CA LEU A 303 -14.82 5.21 26.86
C LEU A 303 -15.47 4.48 25.67
N THR A 304 -16.19 3.38 25.94
CA THR A 304 -16.64 2.39 24.92
C THR A 304 -18.15 2.46 24.68
N GLN A 305 -18.85 3.49 25.17
CA GLN A 305 -20.33 3.65 25.02
C GLN A 305 -20.68 3.90 23.54
N TYR A 306 -21.73 3.23 23.03
CA TYR A 306 -22.31 3.36 21.65
C TYR A 306 -22.93 4.75 21.53
N ASP A 307 -22.06 5.77 21.49
CA ASP A 307 -22.35 7.23 21.46
C ASP A 307 -21.06 8.01 21.18
N ALA A 308 -21.19 9.14 20.48
CA ALA A 308 -20.13 10.17 20.30
C ALA A 308 -19.60 10.65 21.66
N LYS A 309 -18.41 10.19 22.03
CA LYS A 309 -17.58 10.77 23.13
C LYS A 309 -17.90 12.28 23.24
N LYS A 310 -18.17 12.78 24.46
CA LYS A 310 -18.51 14.21 24.76
C LYS A 310 -17.22 15.00 24.97
N VAL A 330 -16.21 5.43 46.97
CA VAL A 330 -16.68 4.14 46.35
C VAL A 330 -15.45 3.36 45.87
N HIS A 331 -15.45 2.03 46.06
CA HIS A 331 -14.31 1.15 45.73
C HIS A 331 -14.71 0.08 44.72
N PRO A 332 -13.78 -0.34 43.84
CA PRO A 332 -14.08 -1.26 42.74
C PRO A 332 -14.90 -2.48 43.18
N GLU A 333 -14.58 -3.04 44.35
CA GLU A 333 -15.17 -4.31 44.84
C GLU A 333 -16.63 -4.03 45.26
N GLN A 334 -16.93 -2.80 45.68
CA GLN A 334 -18.31 -2.34 46.02
C GLN A 334 -19.10 -2.17 44.73
N TYR A 335 -18.68 -1.23 43.87
CA TYR A 335 -19.25 -1.06 42.51
C TYR A 335 -19.59 -2.45 41.95
N ALA A 336 -18.64 -3.39 41.93
CA ALA A 336 -18.80 -4.78 41.42
C ALA A 336 -20.00 -5.46 42.08
N LYS A 337 -19.94 -5.66 43.39
CA LYS A 337 -20.94 -6.41 44.21
C LYS A 337 -22.32 -5.83 43.93
N ARG A 338 -22.43 -4.49 43.99
CA ARG A 338 -23.62 -3.67 43.65
C ARG A 338 -24.11 -3.98 42.22
N PHE A 339 -23.22 -3.80 41.21
CA PHE A 339 -23.52 -4.00 39.78
C PHE A 339 -24.09 -5.39 39.59
N LEU A 340 -23.40 -6.42 40.10
CA LEU A 340 -23.84 -7.83 39.90
C LEU A 340 -25.21 -8.04 40.58
N ASP A 341 -25.52 -7.25 41.60
CA ASP A 341 -26.78 -7.38 42.40
C ASP A 341 -27.94 -7.00 41.47
N PHE A 342 -27.85 -5.80 40.91
CA PHE A 342 -28.84 -5.16 40.01
C PHE A 342 -29.08 -6.00 38.75
N ILE A 343 -28.02 -6.53 38.13
CA ILE A 343 -28.10 -7.29 36.84
C ILE A 343 -28.67 -8.69 37.12
N THR A 344 -28.34 -9.32 38.25
CA THR A 344 -28.89 -10.66 38.59
C THR A 344 -30.43 -10.54 38.73
N ASN A 345 -30.96 -9.35 39.00
CA ASN A 345 -32.42 -9.14 39.26
C ASN A 345 -33.18 -8.77 37.98
N ILE A 346 -32.53 -8.53 36.84
CA ILE A 346 -33.27 -8.17 35.58
C ILE A 346 -33.91 -9.42 34.99
N PHE A 347 -33.49 -10.62 35.42
CA PHE A 347 -33.98 -11.91 34.89
C PHE A 347 -35.23 -12.37 35.68
N VAL B 7 33.72 -4.16 8.84
CA VAL B 7 33.09 -5.39 8.25
C VAL B 7 31.57 -5.16 8.17
N LYS B 8 31.04 -5.09 6.95
CA LYS B 8 29.63 -4.71 6.65
C LYS B 8 28.70 -5.90 6.97
N VAL B 9 27.71 -5.67 7.85
CA VAL B 9 26.48 -6.50 8.11
C VAL B 9 26.05 -7.18 6.81
N PHE B 10 25.98 -8.51 6.81
CA PHE B 10 25.59 -9.30 5.62
C PHE B 10 24.07 -9.52 5.66
N ARG B 11 23.42 -9.35 4.52
CA ARG B 11 21.96 -9.48 4.36
C ARG B 11 21.69 -10.42 3.20
N ALA B 12 20.77 -11.36 3.38
CA ALA B 12 20.35 -12.34 2.35
C ALA B 12 19.74 -11.59 1.14
N ALA B 13 18.86 -10.61 1.38
CA ALA B 13 18.19 -9.76 0.36
C ALA B 13 18.68 -8.31 0.49
N ASP B 14 18.99 -7.67 -0.63
CA ASP B 14 19.45 -6.26 -0.65
C ASP B 14 18.29 -5.39 -0.16
N PRO B 15 18.45 -4.59 0.90
CA PRO B 15 17.35 -3.74 1.35
C PRO B 15 16.94 -2.63 0.38
N LEU B 16 17.88 -2.03 -0.38
CA LEU B 16 17.59 -1.03 -1.44
C LEU B 16 16.63 -1.64 -2.49
N VAL B 17 16.91 -2.85 -2.97
CA VAL B 17 16.04 -3.53 -3.97
C VAL B 17 14.67 -3.85 -3.35
N GLY B 18 14.59 -4.32 -2.11
CA GLY B 18 13.30 -4.56 -1.45
C GLY B 18 12.42 -3.32 -1.32
N VAL B 19 12.97 -2.18 -0.89
CA VAL B 19 12.20 -0.92 -0.81
C VAL B 19 11.83 -0.43 -2.22
N PHE B 20 12.76 -0.51 -3.18
CA PHE B 20 12.47 -0.17 -4.59
C PHE B 20 11.25 -0.96 -5.07
N LEU B 21 11.26 -2.30 -4.96
CA LEU B 21 10.15 -3.16 -5.42
C LEU B 21 8.86 -2.84 -4.66
N TRP B 22 8.97 -2.59 -3.35
CA TRP B 22 7.83 -2.22 -2.49
C TRP B 22 7.22 -0.90 -2.99
N GLY B 23 8.08 0.10 -3.22
CA GLY B 23 7.69 1.44 -3.72
C GLY B 23 7.03 1.39 -5.11
N VAL B 24 7.58 0.64 -6.03
CA VAL B 24 6.98 0.48 -7.39
C VAL B 24 5.55 -0.04 -7.23
N ALA B 25 5.34 -1.11 -6.46
CA ALA B 25 4.01 -1.73 -6.29
C ALA B 25 3.05 -0.69 -5.70
N HIS B 26 3.47 0.00 -4.64
CA HIS B 26 2.62 0.98 -3.94
C HIS B 26 2.25 2.10 -4.93
N SER B 27 3.22 2.58 -5.71
CA SER B 27 3.06 3.78 -6.59
C SER B 27 2.14 3.42 -7.74
N ILE B 28 2.30 2.24 -8.34
CA ILE B 28 1.40 1.80 -9.43
C ILE B 28 -0.02 1.62 -8.87
N ASN B 29 -0.15 1.06 -7.67
CA ASN B 29 -1.47 0.84 -7.01
C ASN B 29 -2.18 2.20 -6.81
N GLU B 30 -1.51 3.21 -6.25
CA GLU B 30 -2.09 4.57 -6.09
C GLU B 30 -2.51 5.19 -7.45
N LEU B 31 -1.68 5.02 -8.50
CA LEU B 31 -1.94 5.55 -9.88
C LEU B 31 -3.18 4.91 -10.47
N SER B 32 -3.41 3.63 -10.24
CA SER B 32 -4.63 2.97 -10.74
C SER B 32 -5.91 3.67 -10.21
N GLN B 33 -5.83 4.50 -9.16
CA GLN B 33 -7.01 5.19 -8.57
C GLN B 33 -7.18 6.60 -9.17
N VAL B 34 -6.14 7.14 -9.82
CA VAL B 34 -6.07 8.51 -10.37
C VAL B 34 -6.32 8.44 -11.87
N PRO B 35 -7.36 9.14 -12.40
CA PRO B 35 -7.66 9.06 -13.83
C PRO B 35 -6.48 9.51 -14.70
N PRO B 36 -6.15 8.76 -15.78
CA PRO B 36 -5.08 9.16 -16.68
C PRO B 36 -5.52 10.40 -17.44
N PRO B 37 -4.93 11.59 -17.21
CA PRO B 37 -5.23 12.74 -18.07
C PRO B 37 -4.85 12.37 -19.53
N VAL B 38 -5.60 12.86 -20.53
CA VAL B 38 -5.22 12.71 -21.96
C VAL B 38 -4.21 13.83 -22.32
N MET B 39 -4.29 15.04 -21.72
CA MET B 39 -3.28 16.13 -21.80
C MET B 39 -2.57 16.29 -20.46
N LEU B 40 -1.22 16.41 -20.48
CA LEU B 40 -0.32 16.80 -19.34
C LEU B 40 -0.28 18.31 -19.18
N LEU B 41 0.19 18.82 -18.04
CA LEU B 41 0.30 20.25 -17.70
C LEU B 41 1.69 20.52 -17.15
N PRO B 42 2.14 21.80 -17.09
CA PRO B 42 3.46 22.17 -16.56
C PRO B 42 3.78 21.74 -15.13
N ASP B 43 2.75 21.65 -14.29
CA ASP B 43 2.82 21.26 -12.86
C ASP B 43 3.19 19.76 -12.77
N ASP B 44 2.69 18.97 -13.70
CA ASP B 44 2.99 17.52 -13.81
C ASP B 44 4.49 17.32 -13.88
N PHE B 45 5.22 18.31 -14.41
CA PHE B 45 6.68 18.23 -14.58
C PHE B 45 7.37 18.63 -13.28
N LYS B 46 6.63 19.13 -12.29
CA LYS B 46 7.24 19.53 -10.98
C LYS B 46 6.72 18.64 -9.84
N ALA B 47 5.82 17.70 -10.15
CA ALA B 47 5.06 16.89 -9.19
C ALA B 47 5.97 15.83 -8.56
N SER B 48 5.60 15.35 -7.38
CA SER B 48 6.21 14.14 -6.77
C SER B 48 5.26 13.54 -5.76
N SER B 49 5.51 12.26 -5.48
CA SER B 49 4.80 11.44 -4.49
C SER B 49 5.84 10.92 -3.52
N LYS B 50 5.66 11.19 -2.23
CA LYS B 50 6.55 10.72 -1.14
C LYS B 50 5.73 9.86 -0.16
N ILE B 51 6.36 8.79 0.32
CA ILE B 51 5.89 7.97 1.46
C ILE B 51 7.08 7.67 2.39
N LYS B 52 6.88 7.88 3.69
CA LYS B 52 7.87 7.60 4.76
C LYS B 52 7.26 6.54 5.69
N VAL B 53 7.95 5.42 5.87
CA VAL B 53 7.45 4.30 6.73
C VAL B 53 8.35 4.28 7.96
N ASN B 54 7.77 4.08 9.13
CA ASN B 54 8.48 4.10 10.42
C ASN B 54 7.80 3.08 11.34
N ASN B 55 8.39 1.89 11.48
CA ASN B 55 7.85 0.78 12.28
C ASN B 55 8.73 0.63 13.54
N HIS B 56 8.10 0.75 14.71
CA HIS B 56 8.71 0.57 16.04
C HIS B 56 8.36 -0.82 16.54
N LEU B 57 9.37 -1.68 16.76
CA LEU B 57 9.23 -3.04 17.37
C LEU B 57 8.25 -3.86 16.53
N PHE B 58 8.34 -3.71 15.22
CA PHE B 58 7.46 -4.40 14.22
C PHE B 58 8.38 -4.73 13.05
N HIS B 59 8.91 -5.93 13.04
CA HIS B 59 10.01 -6.35 12.14
C HIS B 59 9.41 -7.20 11.02
N ARG B 60 9.85 -6.94 9.80
CA ARG B 60 9.51 -7.73 8.59
C ARG B 60 10.82 -8.34 8.05
N GLU B 61 10.73 -9.47 7.39
CA GLU B 61 11.88 -10.07 6.69
C GLU B 61 11.91 -9.39 5.31
N ASN B 62 13.08 -8.89 4.90
CA ASN B 62 13.29 -8.35 3.53
C ASN B 62 12.51 -7.03 3.38
N LEU B 63 12.44 -6.25 4.45
CA LEU B 63 12.13 -4.80 4.46
C LEU B 63 12.71 -4.22 5.74
N PRO B 64 13.39 -3.06 5.72
CA PRO B 64 13.77 -2.39 6.96
C PRO B 64 12.51 -1.80 7.60
N SER B 65 12.65 -1.33 8.83
CA SER B 65 11.51 -0.80 9.63
C SER B 65 11.36 0.70 9.36
N HIS B 66 12.38 1.33 8.78
CA HIS B 66 12.49 2.78 8.53
C HIS B 66 12.98 2.98 7.10
N PHE B 67 12.20 3.64 6.27
CA PHE B 67 12.60 3.90 4.86
C PHE B 67 11.68 4.94 4.24
N LYS B 68 12.14 5.43 3.10
CA LYS B 68 11.36 6.37 2.27
C LYS B 68 11.43 5.97 0.79
N PHE B 69 10.38 6.31 0.06
CA PHE B 69 10.25 6.12 -1.40
C PHE B 69 9.65 7.40 -1.94
N LYS B 70 10.33 8.01 -2.92
CA LYS B 70 9.79 9.15 -3.70
C LYS B 70 9.69 8.75 -5.16
N GLU B 71 8.55 9.04 -5.78
CA GLU B 71 8.35 8.96 -7.24
C GLU B 71 8.32 10.38 -7.84
N TYR B 72 9.16 10.67 -8.82
CA TYR B 72 9.22 11.98 -9.53
C TYR B 72 8.19 11.96 -10.65
N CYS B 73 7.39 13.01 -10.74
CA CYS B 73 6.58 13.31 -11.95
C CYS B 73 5.75 12.11 -12.35
N PRO B 74 4.93 11.56 -11.43
CA PRO B 74 4.22 10.31 -11.70
C PRO B 74 3.29 10.34 -12.90
N GLN B 75 2.69 11.48 -13.25
CA GLN B 75 1.74 11.52 -14.39
C GLN B 75 2.53 11.51 -15.71
N VAL B 76 3.70 12.15 -15.73
CA VAL B 76 4.56 12.25 -16.95
C VAL B 76 5.03 10.85 -17.34
N PHE B 77 5.62 10.11 -16.39
CA PHE B 77 6.24 8.78 -16.67
C PHE B 77 5.16 7.78 -17.01
N ARG B 78 4.01 7.93 -16.39
CA ARG B 78 2.86 7.09 -16.79
C ARG B 78 2.48 7.36 -18.23
N ASN B 79 2.46 8.65 -18.62
CA ASN B 79 2.11 9.07 -20.00
C ASN B 79 3.18 8.55 -21.00
N LEU B 80 4.44 8.56 -20.59
CA LEU B 80 5.56 8.04 -21.44
C LEU B 80 5.45 6.53 -21.58
N ARG B 81 5.07 5.85 -20.50
CA ARG B 81 4.92 4.39 -20.51
C ARG B 81 3.87 4.07 -21.59
N ASP B 82 2.76 4.78 -21.55
CA ASP B 82 1.66 4.62 -22.53
C ASP B 82 2.15 4.85 -23.97
N ARG B 83 2.83 5.96 -24.21
CA ARG B 83 3.42 6.32 -25.52
C ARG B 83 4.47 5.31 -25.99
N PHE B 84 5.14 4.58 -25.12
CA PHE B 84 6.16 3.55 -25.50
C PHE B 84 5.47 2.19 -25.63
N GLY B 85 4.16 2.11 -25.43
CA GLY B 85 3.42 0.83 -25.59
C GLY B 85 3.56 -0.08 -24.38
N ILE B 86 3.68 0.46 -23.18
CA ILE B 86 3.79 -0.36 -21.94
C ILE B 86 2.63 -0.03 -21.02
N ASP B 87 1.77 -1.01 -20.78
CA ASP B 87 0.69 -1.01 -19.76
C ASP B 87 1.28 -0.93 -18.36
N ASP B 88 0.70 -0.12 -17.47
CA ASP B 88 1.21 0.01 -16.07
C ASP B 88 1.24 -1.35 -15.30
N GLN B 89 0.27 -2.26 -15.51
CA GLN B 89 0.23 -3.60 -14.84
C GLN B 89 1.35 -4.52 -15.39
N ASP B 90 1.67 -4.44 -16.68
CA ASP B 90 2.82 -5.16 -17.27
C ASP B 90 4.17 -4.65 -16.70
N TYR B 91 4.27 -3.32 -16.53
CA TYR B 91 5.44 -2.64 -15.94
C TYR B 91 5.68 -3.19 -14.54
N LEU B 92 4.64 -3.12 -13.70
CA LEU B 92 4.64 -3.64 -12.30
C LEU B 92 5.08 -5.10 -12.27
N VAL B 93 4.53 -5.94 -13.14
CA VAL B 93 4.83 -7.40 -13.10
C VAL B 93 6.28 -7.61 -13.55
N SER B 94 6.73 -6.92 -14.60
CA SER B 94 8.14 -7.00 -15.07
C SER B 94 9.08 -6.65 -13.94
N LEU B 95 8.78 -5.63 -13.15
CA LEU B 95 9.68 -5.17 -12.04
C LEU B 95 9.52 -6.05 -10.79
N THR B 96 8.32 -6.55 -10.47
CA THR B 96 8.04 -7.03 -9.08
C THR B 96 7.78 -8.55 -9.01
N ARG B 97 7.32 -9.21 -10.09
CA ARG B 97 6.90 -10.63 -9.97
C ARG B 97 8.07 -11.51 -9.47
N ASN B 98 9.27 -11.33 -9.99
CA ASN B 98 10.52 -11.94 -9.46
C ASN B 98 11.55 -10.84 -9.27
N PRO B 99 12.53 -11.02 -8.35
CA PRO B 99 13.52 -9.97 -8.10
C PRO B 99 14.35 -9.77 -9.36
N PRO B 100 14.86 -8.55 -9.63
CA PRO B 100 15.75 -8.33 -10.77
C PRO B 100 17.14 -8.94 -10.53
N SER B 101 17.85 -9.27 -11.60
CA SER B 101 19.29 -9.68 -11.57
C SER B 101 20.18 -8.42 -11.64
N GLU B 102 21.39 -8.51 -11.10
CA GLU B 102 22.39 -7.41 -11.05
C GLU B 102 23.40 -7.59 -12.18
N SER B 103 24.05 -6.51 -12.61
CA SER B 103 25.15 -6.51 -13.60
C SER B 103 26.18 -5.45 -13.21
N GLU B 104 27.44 -5.87 -13.14
CA GLU B 104 28.60 -5.02 -12.74
C GLU B 104 29.30 -4.60 -14.03
N GLY B 105 28.75 -3.57 -14.71
CA GLY B 105 29.35 -2.84 -15.85
C GLY B 105 28.91 -1.37 -15.94
N SER B 106 28.58 -0.78 -14.78
CA SER B 106 28.11 0.62 -14.59
C SER B 106 28.67 1.17 -13.27
N ASP B 107 28.65 2.49 -13.05
CA ASP B 107 29.28 3.12 -11.85
C ASP B 107 28.66 2.52 -10.57
N GLY B 108 27.34 2.65 -10.38
CA GLY B 108 26.60 2.07 -9.24
C GLY B 108 25.82 0.80 -9.61
N ARG B 109 24.64 0.63 -9.05
CA ARG B 109 23.79 -0.54 -9.31
C ARG B 109 23.22 -0.50 -10.73
N PHE B 110 23.13 -1.67 -11.34
CA PHE B 110 22.47 -1.83 -12.64
C PHE B 110 21.71 -3.16 -12.58
N LEU B 111 20.38 -3.08 -12.58
CA LEU B 111 19.47 -4.24 -12.43
C LEU B 111 18.76 -4.50 -13.77
N ILE B 112 18.48 -5.77 -14.06
CA ILE B 112 17.69 -6.25 -15.24
C ILE B 112 16.43 -6.95 -14.72
N SER B 113 15.25 -6.56 -15.15
CA SER B 113 13.98 -7.22 -14.78
C SER B 113 14.10 -8.73 -15.09
N TYR B 114 13.31 -9.53 -14.41
CA TYR B 114 13.35 -11.01 -14.51
C TYR B 114 13.05 -11.44 -15.96
N ASP B 115 12.24 -10.69 -16.69
CA ASP B 115 11.85 -10.99 -18.09
C ASP B 115 12.77 -10.22 -19.06
N ARG B 116 13.75 -9.48 -18.56
CA ARG B 116 14.78 -8.77 -19.38
C ARG B 116 14.13 -7.75 -20.31
N THR B 117 12.93 -7.21 -20.03
CA THR B 117 12.33 -6.15 -20.87
C THR B 117 12.79 -4.78 -20.37
N LEU B 118 13.12 -4.65 -19.08
CA LEU B 118 13.46 -3.36 -18.44
C LEU B 118 14.85 -3.45 -17.83
N VAL B 119 15.43 -2.30 -17.58
CA VAL B 119 16.73 -2.08 -16.89
C VAL B 119 16.50 -0.96 -15.88
N ILE B 120 17.12 -1.02 -14.70
CA ILE B 120 17.03 -0.03 -13.60
C ILE B 120 18.46 0.39 -13.27
N LYS B 121 18.74 1.67 -13.48
CA LYS B 121 20.10 2.19 -13.28
C LYS B 121 20.09 3.14 -12.11
N GLU B 122 21.02 2.93 -11.18
CA GLU B 122 21.27 3.94 -10.12
C GLU B 122 21.98 5.13 -10.74
N VAL B 123 21.52 6.33 -10.44
CA VAL B 123 22.11 7.58 -10.96
C VAL B 123 22.37 8.51 -9.76
N SER B 124 23.04 9.63 -10.00
CA SER B 124 23.39 10.64 -8.97
C SER B 124 22.23 11.64 -8.86
N SER B 125 22.21 12.48 -7.83
CA SER B 125 21.19 13.55 -7.64
C SER B 125 21.35 14.56 -8.77
N GLU B 126 22.57 14.71 -9.28
CA GLU B 126 22.91 15.62 -10.41
C GLU B 126 22.32 15.07 -11.72
N ASP B 127 22.38 13.76 -11.97
CA ASP B 127 21.65 13.13 -13.11
C ASP B 127 20.15 13.46 -12.95
N ILE B 128 19.62 13.44 -11.72
CA ILE B 128 18.17 13.66 -11.46
C ILE B 128 17.78 15.10 -11.76
N ALA B 129 18.60 16.07 -11.38
CA ALA B 129 18.39 17.49 -11.74
C ALA B 129 18.48 17.66 -13.26
N ASP B 130 19.41 16.96 -13.93
CA ASP B 130 19.56 16.98 -15.41
C ASP B 130 18.29 16.40 -16.07
N MET B 131 17.75 15.28 -15.55
CA MET B 131 16.50 14.65 -16.03
C MET B 131 15.35 15.67 -15.95
N HIS B 132 15.18 16.34 -14.83
CA HIS B 132 14.08 17.35 -14.68
C HIS B 132 14.22 18.53 -15.66
N SER B 133 15.41 19.12 -15.81
CA SER B 133 15.71 20.18 -16.82
C SER B 133 14.99 19.88 -18.15
N ASN B 134 15.20 18.68 -18.68
CA ASN B 134 14.87 18.34 -20.10
C ASN B 134 13.58 17.50 -20.22
N LEU B 135 12.85 17.26 -19.13
CA LEU B 135 11.82 16.20 -19.13
C LEU B 135 10.66 16.65 -20.01
N SER B 136 10.37 17.95 -20.03
CA SER B 136 9.31 18.52 -20.90
C SER B 136 9.77 18.48 -22.37
N ASN B 137 10.99 18.89 -22.62
CA ASN B 137 11.59 18.83 -23.97
C ASN B 137 11.53 17.41 -24.49
N TYR B 138 11.91 16.42 -23.69
CA TYR B 138 11.87 14.99 -24.08
C TYR B 138 10.42 14.55 -24.32
N HIS B 139 9.52 14.89 -23.41
CA HIS B 139 8.10 14.48 -23.58
C HIS B 139 7.58 15.01 -24.92
N GLN B 140 7.84 16.29 -25.23
CA GLN B 140 7.35 16.92 -26.48
C GLN B 140 8.04 16.21 -27.68
N TYR B 141 9.30 15.78 -27.55
CA TYR B 141 9.99 15.00 -28.58
C TYR B 141 9.33 13.61 -28.78
N ILE B 142 8.98 12.94 -27.69
CA ILE B 142 8.32 11.60 -27.81
C ILE B 142 6.92 11.76 -28.45
N VAL B 143 6.16 12.80 -28.11
CA VAL B 143 4.88 13.13 -28.83
C VAL B 143 5.15 13.22 -30.36
N LYS B 144 6.11 14.04 -30.75
CA LYS B 144 6.46 14.27 -32.16
C LYS B 144 6.86 12.98 -32.89
N CYS B 145 7.61 12.07 -32.29
CA CYS B 145 8.15 10.93 -33.07
C CYS B 145 7.33 9.69 -32.78
N HIS B 146 6.21 9.84 -32.07
CA HIS B 146 5.29 8.72 -31.74
C HIS B 146 6.06 7.60 -31.01
N GLY B 147 7.01 7.94 -30.13
CA GLY B 147 7.85 6.96 -29.41
C GLY B 147 8.82 6.18 -30.29
N ASN B 148 9.03 6.54 -31.54
CA ASN B 148 9.90 5.76 -32.44
C ASN B 148 11.26 6.49 -32.43
N THR B 149 12.18 6.11 -31.56
CA THR B 149 13.44 6.83 -31.31
C THR B 149 14.53 5.85 -30.87
N LEU B 150 15.77 6.25 -31.01
CA LEU B 150 16.96 5.46 -30.56
C LEU B 150 17.39 5.98 -29.20
N LEU B 151 16.79 7.08 -28.77
CA LEU B 151 16.97 7.59 -27.40
C LEU B 151 16.56 6.47 -26.47
N PRO B 152 17.00 6.53 -25.20
CA PRO B 152 16.42 5.68 -24.17
C PRO B 152 14.94 6.04 -23.95
N GLN B 153 14.17 5.01 -23.61
CA GLN B 153 12.75 5.16 -23.25
C GLN B 153 12.67 5.17 -21.73
N PHE B 154 12.53 6.35 -21.14
CA PHE B 154 12.51 6.57 -19.70
C PHE B 154 11.10 6.28 -19.20
N LEU B 155 10.96 5.34 -18.26
CA LEU B 155 9.67 4.79 -17.84
C LEU B 155 9.36 5.16 -16.39
N GLY B 156 10.34 5.60 -15.62
CA GLY B 156 10.10 5.89 -14.21
C GLY B 156 11.36 6.35 -13.57
N MET B 157 11.23 7.18 -12.54
CA MET B 157 12.35 7.87 -11.88
C MET B 157 12.01 7.95 -10.40
N TYR B 158 12.90 7.46 -9.54
CA TYR B 158 12.53 7.24 -8.13
C TYR B 158 13.72 7.52 -7.25
N ARG B 159 13.43 7.86 -5.99
CA ARG B 159 14.45 7.94 -4.90
C ARG B 159 14.01 6.97 -3.78
N VAL B 160 14.90 6.05 -3.42
CA VAL B 160 14.72 5.09 -2.30
C VAL B 160 15.67 5.50 -1.16
N SER B 161 15.16 5.64 0.06
CA SER B 161 15.99 5.97 1.24
C SER B 161 15.93 4.81 2.21
N VAL B 162 17.09 4.18 2.43
CA VAL B 162 17.35 3.11 3.43
C VAL B 162 18.57 3.57 4.24
N ASP B 163 18.51 3.35 5.55
CA ASP B 163 19.29 4.11 6.57
C ASP B 163 18.74 5.53 6.49
N ASN B 164 19.62 6.53 6.52
CA ASN B 164 19.31 7.88 6.01
C ASN B 164 20.23 8.14 4.82
N GLU B 165 20.26 7.19 3.88
CA GLU B 165 21.04 7.24 2.62
C GLU B 165 20.08 7.21 1.41
N ASP B 166 20.17 8.20 0.53
CA ASP B 166 19.32 8.32 -0.67
C ASP B 166 20.00 7.63 -1.85
N SER B 167 19.23 6.86 -2.62
CA SER B 167 19.63 6.31 -3.94
C SER B 167 18.58 6.70 -4.97
N TYR B 168 19.02 6.96 -6.20
CA TYR B 168 18.16 7.44 -7.31
C TYR B 168 18.18 6.36 -8.37
N MET B 169 16.99 5.93 -8.77
CA MET B 169 16.83 4.77 -9.68
C MET B 169 16.10 5.28 -10.93
N LEU B 170 16.68 5.02 -12.08
CA LEU B 170 16.07 5.37 -13.39
C LEU B 170 15.72 4.07 -14.12
N VAL B 171 14.43 3.88 -14.45
CA VAL B 171 13.92 2.70 -15.18
C VAL B 171 13.82 3.01 -16.67
N MET B 172 14.37 2.13 -17.49
CA MET B 172 14.44 2.29 -18.95
C MET B 172 14.05 0.99 -19.61
N ARG B 173 13.51 1.09 -20.81
CA ARG B 173 13.35 -0.09 -21.65
C ARG B 173 14.76 -0.64 -21.96
N ASN B 174 14.90 -1.95 -21.87
CA ASN B 174 16.15 -2.66 -22.21
C ASN B 174 16.37 -2.49 -23.74
N MET B 175 17.53 -1.99 -24.11
CA MET B 175 18.00 -1.89 -25.52
C MET B 175 18.44 -3.25 -26.07
N PHE B 176 18.94 -4.10 -25.18
CA PHE B 176 19.30 -5.50 -25.54
C PHE B 176 18.02 -6.35 -25.59
N SER B 177 18.15 -7.67 -25.77
CA SER B 177 17.04 -8.60 -26.03
C SER B 177 16.47 -9.18 -24.72
N HIS B 178 15.15 -9.39 -24.72
CA HIS B 178 14.41 -10.19 -23.74
C HIS B 178 14.90 -11.64 -23.83
N ARG B 179 15.51 -12.14 -24.92
CA ARG B 179 15.95 -13.57 -24.95
C ARG B 179 17.20 -13.86 -25.80
N LEU B 180 17.64 -13.03 -26.75
CA LEU B 180 18.90 -13.33 -27.51
C LEU B 180 20.09 -12.71 -26.79
N PRO B 181 21.00 -13.51 -26.18
CA PRO B 181 22.14 -12.95 -25.46
C PRO B 181 23.10 -12.22 -26.41
N VAL B 182 23.61 -11.08 -25.94
CA VAL B 182 24.64 -10.25 -26.62
C VAL B 182 26.01 -10.89 -26.39
N HIS B 183 26.74 -11.16 -27.47
CA HIS B 183 28.07 -11.82 -27.49
C HIS B 183 29.18 -10.76 -27.56
N ARG B 184 28.91 -9.61 -28.16
CA ARG B 184 29.87 -8.49 -28.31
C ARG B 184 29.12 -7.18 -28.13
N LYS B 185 29.76 -6.25 -27.43
CA LYS B 185 29.20 -4.96 -26.98
C LYS B 185 30.22 -3.88 -27.32
N TYR B 186 29.77 -2.79 -27.93
CA TYR B 186 30.60 -1.61 -28.22
C TYR B 186 29.89 -0.34 -27.78
N ASP B 187 30.72 0.62 -27.37
CA ASP B 187 30.37 2.02 -27.06
C ASP B 187 31.12 2.90 -28.10
N LEU B 188 30.35 3.51 -29.01
CA LEU B 188 30.87 4.20 -30.20
C LEU B 188 30.54 5.69 -30.09
N LYS B 189 31.56 6.54 -30.22
CA LYS B 189 31.47 8.02 -30.12
C LYS B 189 31.88 8.74 -31.40
N GLY B 190 32.78 8.17 -32.21
CA GLY B 190 33.39 8.83 -33.37
C GLY B 190 34.34 9.96 -32.96
N SER B 191 34.86 9.95 -31.72
CA SER B 191 35.74 11.02 -31.17
C SER B 191 37.07 11.05 -31.92
N LEU B 192 37.75 12.21 -31.92
CA LEU B 192 38.99 12.42 -32.71
C LEU B 192 40.11 11.57 -32.10
N VAL B 193 40.33 11.69 -30.78
CA VAL B 193 41.28 10.84 -30.00
C VAL B 193 40.92 9.36 -30.19
N SER B 194 41.87 8.46 -29.97
CA SER B 194 41.67 6.99 -29.99
C SER B 194 40.97 6.58 -28.68
N ARG B 195 39.89 5.82 -28.83
CA ARG B 195 39.13 5.25 -27.70
C ARG B 195 39.29 3.73 -27.75
N GLU B 196 39.85 3.16 -26.71
CA GLU B 196 40.15 1.72 -26.60
C GLU B 196 39.66 1.26 -25.24
N ALA B 197 39.06 0.07 -25.13
CA ALA B 197 38.82 -0.53 -23.80
C ALA B 197 40.18 -0.69 -23.09
N SER B 198 40.20 -0.46 -21.79
CA SER B 198 41.36 -0.73 -20.90
C SER B 198 41.67 -2.23 -20.87
N ASP B 199 42.87 -2.56 -20.38
CA ASP B 199 43.40 -3.94 -20.19
C ASP B 199 42.50 -4.64 -19.19
N LYS B 200 42.10 -3.93 -18.14
CA LYS B 200 41.14 -4.35 -17.09
C LYS B 200 39.75 -4.70 -17.70
N GLU B 201 39.16 -3.85 -18.53
CA GLU B 201 37.88 -4.16 -19.24
C GLU B 201 38.03 -5.37 -20.17
N LYS B 202 39.04 -5.37 -21.05
CA LYS B 202 39.19 -6.35 -22.17
C LYS B 202 39.33 -7.78 -21.66
N VAL B 203 39.71 -7.90 -20.40
CA VAL B 203 39.99 -9.21 -19.79
C VAL B 203 38.69 -9.78 -19.20
N LYS B 204 37.58 -9.06 -19.18
CA LYS B 204 36.26 -9.62 -18.77
C LYS B 204 35.68 -10.58 -19.81
N GLU B 205 34.65 -11.35 -19.42
CA GLU B 205 33.93 -12.31 -20.30
C GLU B 205 33.22 -11.51 -21.37
N LEU B 206 32.60 -10.41 -20.97
CA LEU B 206 31.89 -9.51 -21.91
C LEU B 206 32.36 -8.08 -21.68
N PRO B 207 33.49 -7.70 -22.28
CA PRO B 207 33.93 -6.31 -22.21
C PRO B 207 32.99 -5.41 -23.02
N THR B 208 32.93 -4.15 -22.64
CA THR B 208 32.41 -3.05 -23.48
C THR B 208 33.61 -2.44 -24.25
N LEU B 209 33.70 -2.71 -25.54
CA LEU B 209 34.81 -2.23 -26.39
C LEU B 209 34.46 -0.84 -26.93
N LYS B 210 35.44 -0.14 -27.48
CA LYS B 210 35.27 1.25 -27.94
C LYS B 210 35.66 1.35 -29.42
N ASP B 211 35.60 2.56 -29.96
CA ASP B 211 35.75 2.90 -31.42
C ASP B 211 36.94 2.14 -32.03
N MET B 212 38.10 2.18 -31.37
CA MET B 212 39.38 1.67 -31.94
C MET B 212 39.38 0.13 -31.90
N ASP B 213 38.70 -0.46 -30.93
CA ASP B 213 38.49 -1.94 -30.85
C ASP B 213 37.57 -2.35 -31.99
N PHE B 214 36.57 -1.53 -32.31
CA PHE B 214 35.59 -1.84 -33.38
C PHE B 214 36.32 -1.78 -34.71
N LEU B 215 37.09 -0.70 -34.93
CA LEU B 215 37.90 -0.55 -36.17
C LEU B 215 38.94 -1.69 -36.26
N ASN B 216 39.66 -2.01 -35.17
CA ASN B 216 40.69 -3.09 -35.22
C ASN B 216 40.03 -4.42 -35.57
N LYS B 217 38.74 -4.59 -35.29
CA LYS B 217 38.07 -5.88 -35.56
C LYS B 217 37.70 -5.98 -37.05
N ASN B 218 37.80 -4.86 -37.79
CA ASN B 218 37.16 -4.71 -39.13
C ASN B 218 35.70 -5.11 -39.00
N GLN B 219 35.12 -4.72 -37.85
CA GLN B 219 33.71 -4.98 -37.47
C GLN B 219 32.86 -4.12 -38.40
N LYS B 220 32.00 -4.72 -39.24
CA LYS B 220 30.96 -3.97 -40.04
C LYS B 220 29.56 -4.47 -39.71
N VAL B 221 28.56 -3.60 -39.74
CA VAL B 221 27.13 -3.97 -39.51
C VAL B 221 26.44 -4.20 -40.86
N TYR B 222 25.94 -5.41 -41.13
CA TYR B 222 25.25 -5.73 -42.41
C TYR B 222 23.73 -5.82 -42.19
N ILE B 223 23.02 -4.71 -42.44
CA ILE B 223 21.53 -4.69 -42.46
C ILE B 223 21.00 -4.31 -43.86
N GLY B 224 19.67 -4.40 -44.05
CA GLY B 224 19.02 -4.02 -45.31
C GLY B 224 19.26 -2.56 -45.68
N GLU B 225 19.12 -2.21 -46.96
CA GLU B 225 19.27 -0.82 -47.44
C GLU B 225 18.12 0.03 -46.90
N GLU B 226 16.94 -0.55 -46.72
CA GLU B 226 15.71 0.16 -46.27
C GLU B 226 15.83 0.38 -44.75
N GLU B 227 16.16 -0.68 -43.98
CA GLU B 227 16.44 -0.66 -42.51
C GLU B 227 17.48 0.39 -42.18
N LYS B 228 18.55 0.45 -42.98
CA LYS B 228 19.70 1.39 -42.88
C LYS B 228 19.28 2.84 -43.12
N LYS B 229 18.55 3.11 -44.21
CA LYS B 229 17.99 4.46 -44.49
C LYS B 229 17.13 4.89 -43.29
N ILE B 230 16.16 4.07 -42.88
CA ILE B 230 15.26 4.41 -41.72
C ILE B 230 16.10 4.63 -40.44
N PHE B 231 17.13 3.79 -40.21
CA PHE B 231 17.92 3.85 -38.97
C PHE B 231 18.65 5.19 -38.98
N LEU B 232 19.37 5.50 -40.07
CA LEU B 232 20.22 6.71 -40.11
C LEU B 232 19.36 7.97 -40.08
N GLU B 233 18.16 7.89 -40.61
CA GLU B 233 17.22 9.04 -40.69
C GLU B 233 16.70 9.31 -39.27
N LYS B 234 16.31 8.25 -38.55
CA LYS B 234 15.94 8.31 -37.11
C LYS B 234 17.09 8.86 -36.25
N LEU B 235 18.29 8.34 -36.44
CA LEU B 235 19.52 8.73 -35.68
C LEU B 235 19.70 10.25 -35.85
N LYS B 236 19.59 10.72 -37.10
CA LYS B 236 19.86 12.14 -37.45
C LYS B 236 18.83 13.01 -36.73
N ARG B 237 17.56 12.63 -36.71
CA ARG B 237 16.58 13.51 -36.00
C ARG B 237 16.86 13.43 -34.49
N ASP B 238 17.30 12.26 -33.97
CA ASP B 238 17.52 12.09 -32.50
C ASP B 238 18.71 12.94 -32.08
N VAL B 239 19.80 12.89 -32.87
CA VAL B 239 21.01 13.70 -32.65
C VAL B 239 20.68 15.20 -32.78
N GLU B 240 19.81 15.57 -33.73
CA GLU B 240 19.45 17.02 -33.93
C GLU B 240 18.66 17.52 -32.73
N PHE B 241 17.87 16.65 -32.10
CA PHE B 241 17.21 17.02 -30.82
C PHE B 241 18.26 17.24 -29.75
N LEU B 242 19.20 16.31 -29.62
CA LEU B 242 20.28 16.41 -28.62
C LEU B 242 21.05 17.72 -28.85
N VAL B 243 21.38 18.02 -30.09
CA VAL B 243 22.12 19.28 -30.43
C VAL B 243 21.29 20.47 -29.92
N GLN B 244 19.99 20.46 -30.17
CA GLN B 244 19.08 21.56 -29.71
C GLN B 244 19.09 21.72 -28.20
N LEU B 245 19.28 20.65 -27.43
CA LEU B 245 19.39 20.72 -25.96
C LEU B 245 20.85 20.95 -25.54
N LYS B 246 21.75 21.17 -26.50
CA LYS B 246 23.20 21.40 -26.25
C LYS B 246 23.82 20.18 -25.59
N ILE B 247 23.31 18.98 -25.86
CA ILE B 247 23.87 17.76 -25.22
C ILE B 247 24.98 17.26 -26.14
N MET B 248 26.06 16.75 -25.56
CA MET B 248 27.10 16.04 -26.34
C MET B 248 27.68 14.94 -25.48
N ASP B 249 28.56 14.14 -26.06
CA ASP B 249 29.36 13.12 -25.32
C ASP B 249 28.51 11.86 -25.17
N TYR B 250 27.50 11.73 -26.04
CA TYR B 250 26.66 10.53 -26.16
C TYR B 250 27.41 9.49 -27.01
N SER B 251 27.04 8.24 -26.84
CA SER B 251 27.60 7.12 -27.62
C SER B 251 26.46 6.39 -28.30
N LEU B 252 26.75 5.65 -29.35
CA LEU B 252 25.87 4.59 -29.80
C LEU B 252 26.29 3.33 -29.08
N LEU B 253 25.40 2.73 -28.34
CA LEU B 253 25.55 1.35 -27.82
C LEU B 253 25.23 0.38 -28.94
N LEU B 254 26.15 -0.52 -29.28
CA LEU B 254 26.01 -1.58 -30.30
C LEU B 254 26.27 -2.94 -29.64
N GLY B 255 25.24 -3.78 -29.64
CA GLY B 255 25.27 -5.16 -29.17
C GLY B 255 25.01 -6.09 -30.35
N ILE B 256 25.68 -7.23 -30.38
CA ILE B 256 25.63 -8.21 -31.49
C ILE B 256 25.38 -9.60 -30.89
N HIS B 257 24.30 -10.25 -31.33
CA HIS B 257 23.96 -11.66 -31.08
C HIS B 257 24.33 -12.49 -32.32
N ASP B 258 25.26 -13.42 -32.18
CA ASP B 258 25.59 -14.41 -33.24
C ASP B 258 24.52 -15.50 -33.20
N ILE B 259 23.84 -15.68 -34.31
CA ILE B 259 22.76 -16.70 -34.49
C ILE B 259 23.33 -18.12 -34.31
N ILE B 260 24.51 -18.43 -34.83
CA ILE B 260 25.09 -19.80 -34.62
C ILE B 260 25.25 -20.10 -33.12
N ARG B 261 25.81 -19.17 -32.34
CA ARG B 261 26.00 -19.38 -30.86
C ARG B 261 24.61 -19.46 -30.21
N GLY B 262 23.71 -18.54 -30.55
CA GLY B 262 22.31 -18.57 -30.10
C GLY B 262 22.21 -18.51 -28.58
N SER B 263 21.20 -19.17 -28.04
CA SER B 263 20.88 -19.22 -26.59
C SER B 263 20.87 -20.68 -26.11
N GLU B 264 20.79 -20.89 -24.79
CA GLU B 264 20.42 -22.20 -24.19
C GLU B 264 19.18 -22.71 -24.94
N PRO B 265 19.04 -24.04 -25.17
CA PRO B 265 17.88 -24.57 -25.91
C PRO B 265 16.57 -24.44 -25.10
N GLU B 266 16.67 -24.21 -23.77
CA GLU B 266 15.53 -23.96 -22.84
C GLU B 266 14.78 -22.69 -23.23
N GLU B 267 15.46 -21.72 -23.90
CA GLU B 267 14.86 -20.46 -24.42
C GLU B 267 14.79 -20.46 -25.96
N GLU B 268 14.63 -21.65 -26.58
CA GLU B 268 14.40 -21.90 -28.03
C GLU B 268 15.72 -21.68 -28.79
N GLY B 272 6.30 -23.08 -34.18
CA GLY B 272 5.26 -22.09 -33.83
C GLY B 272 5.85 -20.94 -33.02
N GLU B 273 6.33 -19.90 -33.71
CA GLU B 273 7.13 -18.79 -33.09
C GLU B 273 6.29 -17.50 -33.05
N PHE B 274 5.44 -17.36 -32.03
CA PHE B 274 4.89 -16.04 -31.58
C PHE B 274 5.73 -15.54 -30.40
N GLU B 275 6.63 -14.58 -30.63
CA GLU B 275 7.50 -13.96 -29.60
C GLU B 275 6.62 -13.42 -28.47
N SER B 276 7.05 -13.55 -27.21
CA SER B 276 6.36 -12.98 -26.03
C SER B 276 6.54 -11.47 -25.98
N PHE B 277 7.63 -10.94 -26.56
CA PHE B 277 7.97 -9.49 -26.51
C PHE B 277 8.72 -9.09 -27.80
N ILE B 278 8.68 -7.79 -28.08
CA ILE B 278 9.38 -7.16 -29.24
C ILE B 278 10.63 -6.46 -28.67
N ASP B 279 11.78 -6.74 -29.26
CA ASP B 279 13.05 -6.06 -28.96
C ASP B 279 13.11 -4.81 -29.82
N VAL B 280 12.85 -3.64 -29.23
CA VAL B 280 12.54 -2.39 -29.96
C VAL B 280 13.75 -1.87 -30.74
N TYR B 281 14.98 -2.12 -30.27
CA TYR B 281 16.23 -1.58 -30.85
C TYR B 281 16.91 -2.66 -31.69
N ALA B 282 16.25 -3.80 -31.92
CA ALA B 282 16.78 -4.96 -32.66
C ALA B 282 16.64 -4.74 -34.17
N ILE B 283 17.67 -5.10 -34.94
CA ILE B 283 17.62 -5.23 -36.44
C ILE B 283 18.41 -6.48 -36.79
N ARG B 284 17.86 -7.35 -37.66
CA ARG B 284 18.46 -8.63 -38.11
C ARG B 284 19.46 -8.37 -39.25
N SER B 285 20.52 -9.15 -39.34
CA SER B 285 21.49 -9.12 -40.46
C SER B 285 20.72 -9.33 -41.76
N ALA B 286 21.21 -8.72 -42.83
CA ALA B 286 20.63 -8.84 -44.19
C ALA B 286 20.93 -10.25 -44.74
N GLU B 287 20.04 -10.72 -45.64
CA GLU B 287 20.06 -12.00 -46.39
C GLU B 287 21.48 -12.53 -46.60
N GLY B 288 22.35 -11.75 -47.25
CA GLY B 288 23.68 -12.25 -47.65
C GLY B 288 24.82 -11.66 -46.83
N ALA B 289 24.59 -11.36 -45.54
CA ALA B 289 25.64 -10.88 -44.64
C ALA B 289 26.59 -12.03 -44.36
N PRO B 290 27.91 -11.77 -44.23
CA PRO B 290 28.89 -12.81 -43.93
C PRO B 290 28.51 -13.72 -42.75
N GLN B 291 27.88 -13.17 -41.71
CA GLN B 291 27.38 -13.88 -40.51
C GLN B 291 25.88 -13.54 -40.32
N LYS B 292 25.09 -14.54 -39.93
CA LYS B 292 23.73 -14.36 -39.40
C LYS B 292 23.83 -13.80 -37.97
N GLU B 293 23.38 -12.56 -37.78
CA GLU B 293 23.49 -11.81 -36.51
C GLU B 293 22.20 -11.05 -36.22
N VAL B 294 21.99 -10.67 -34.96
CA VAL B 294 21.03 -9.58 -34.60
C VAL B 294 21.82 -8.46 -33.92
N TYR B 295 21.59 -7.22 -34.37
CA TYR B 295 22.21 -5.98 -33.87
C TYR B 295 21.24 -5.27 -32.92
N PHE B 296 21.73 -4.67 -31.86
CA PHE B 296 20.91 -3.85 -30.94
C PHE B 296 21.61 -2.51 -30.84
N MET B 297 20.94 -1.41 -31.23
CA MET B 297 21.58 -0.08 -31.30
C MET B 297 20.68 0.97 -30.66
N GLY B 298 21.22 1.72 -29.72
CA GLY B 298 20.53 2.91 -29.20
C GLY B 298 21.51 3.93 -28.68
N LEU B 299 21.02 5.12 -28.36
CA LEU B 299 21.84 6.23 -27.83
C LEU B 299 21.89 6.18 -26.32
N ILE B 300 23.09 6.22 -25.75
CA ILE B 300 23.36 6.31 -24.28
C ILE B 300 24.36 7.42 -24.01
N ASP B 301 24.58 7.80 -22.76
CA ASP B 301 25.75 8.62 -22.39
C ASP B 301 26.29 8.07 -21.07
N ILE B 302 27.08 8.85 -20.32
CA ILE B 302 27.70 8.41 -19.03
C ILE B 302 26.57 8.15 -18.02
N LEU B 303 25.58 9.04 -17.98
CA LEU B 303 24.34 8.93 -17.15
C LEU B 303 23.61 7.61 -17.47
N THR B 304 23.26 7.34 -18.73
CA THR B 304 22.45 6.16 -19.13
C THR B 304 23.32 4.99 -19.61
N GLN B 305 24.65 5.07 -19.46
CA GLN B 305 25.61 4.05 -19.97
C GLN B 305 25.04 2.63 -19.82
N HIS B 331 30.03 23.64 -30.85
CA HIS B 331 30.67 22.37 -30.41
C HIS B 331 29.71 21.19 -30.47
N PRO B 332 28.47 21.26 -29.93
CA PRO B 332 27.49 20.18 -30.06
C PRO B 332 27.24 19.78 -31.52
N GLU B 333 27.10 20.77 -32.40
CA GLU B 333 26.88 20.50 -33.85
C GLU B 333 28.14 19.85 -34.43
N GLN B 334 29.31 20.09 -33.83
CA GLN B 334 30.59 19.46 -34.29
C GLN B 334 30.64 18.01 -33.82
N TYR B 335 30.38 17.77 -32.53
CA TYR B 335 30.26 16.42 -31.94
C TYR B 335 29.33 15.55 -32.79
N ALA B 336 28.17 16.12 -33.13
CA ALA B 336 27.06 15.45 -33.84
C ALA B 336 27.50 15.08 -35.25
N LYS B 337 28.15 16.01 -35.94
CA LYS B 337 28.58 15.75 -37.31
C LYS B 337 29.62 14.61 -37.33
N ARG B 338 30.63 14.65 -36.46
CA ARG B 338 31.60 13.53 -36.34
C ARG B 338 30.90 12.20 -36.03
N PHE B 339 30.07 12.19 -34.97
CA PHE B 339 29.25 11.04 -34.53
C PHE B 339 28.55 10.46 -35.75
N LEU B 340 27.73 11.30 -36.39
CA LEU B 340 26.92 10.85 -37.53
C LEU B 340 27.87 10.30 -38.61
N ASP B 341 29.01 10.94 -38.90
CA ASP B 341 29.86 10.41 -40.00
C ASP B 341 30.44 9.05 -39.57
N PHE B 342 30.88 8.91 -38.33
CA PHE B 342 31.40 7.62 -37.81
C PHE B 342 30.35 6.51 -37.95
N ILE B 343 29.14 6.72 -37.38
CA ILE B 343 28.06 5.71 -37.37
C ILE B 343 27.70 5.36 -38.80
N THR B 344 27.56 6.35 -39.70
CA THR B 344 27.13 6.06 -41.09
C THR B 344 28.10 5.05 -41.70
N ASN B 345 29.39 5.12 -41.34
CA ASN B 345 30.43 4.22 -41.94
C ASN B 345 30.61 2.95 -41.12
N ILE B 346 29.79 2.62 -40.11
CA ILE B 346 29.86 1.25 -39.53
C ILE B 346 29.15 0.26 -40.44
N PHE B 347 28.30 0.72 -41.33
CA PHE B 347 27.49 -0.09 -42.27
C PHE B 347 28.24 -0.28 -43.60
#